data_8T1A
#
_entry.id   8T1A
#
_cell.length_a   102.665
_cell.length_b   102.665
_cell.length_c   50.525
_cell.angle_alpha   90.00
_cell.angle_beta   90.00
_cell.angle_gamma   120.00
#
_symmetry.space_group_name_H-M   'P 32'
#
loop_
_entity.id
_entity.type
_entity.pdbx_description
1 polymer 'S-adenosylmethionine-dependent methyltransferase UmaA'
2 non-polymer 'NITRATE ION'
3 non-polymer GLYCEROL
4 water water
#
_entity_poly.entity_id   1
_entity_poly.type   'polypeptide(L)'
_entity_poly.pdbx_seq_one_letter_code
;MAHHHHHHMTELRPFYEESQSIYDVSDEFFSLFLDPTMAYTCAYFEREDMTLEEAQNAKFDLALDKLHLEPGMTLLDIGC
GWGGGLQRAIENYDVNVIGITLSRNQFEYSKAKLAKIPTERSVQVRLQGWDEFTDKVDRIVSIGAFEAFKMERYAAFFER
SYDILPDDGRMLLHTILTYTQKQMHEMGVKVTMSDVRFMKFIGEEIFPGGQLPAQEDIFKFAQAADFSVEKVQLLQQHYA
RTLNIWAANLEANKDRAIALQSEEIYNKYMHYLTGCEHFFRKGISNVGQFTLTK
;
_entity_poly.pdbx_strand_id   A,B
#
# COMPACT_ATOMS: atom_id res chain seq x y z
N SER A 21 -26.13 18.29 -20.31
CA SER A 21 -25.02 17.90 -19.45
C SER A 21 -24.94 16.38 -19.30
N ILE A 22 -23.75 15.89 -18.95
CA ILE A 22 -23.56 14.46 -18.72
C ILE A 22 -24.02 14.03 -17.34
N TYR A 23 -24.31 14.98 -16.45
CA TYR A 23 -24.81 14.66 -15.12
C TYR A 23 -26.31 14.42 -15.09
N ASP A 24 -27.01 14.65 -16.20
CA ASP A 24 -28.46 14.52 -16.27
C ASP A 24 -28.90 13.26 -16.99
N VAL A 25 -28.00 12.29 -17.18
CA VAL A 25 -28.34 11.07 -17.88
C VAL A 25 -28.89 10.06 -16.88
N SER A 26 -29.62 9.08 -17.39
CA SER A 26 -30.31 8.12 -16.55
C SER A 26 -29.39 6.97 -16.17
N ASP A 27 -29.78 6.25 -15.10
CA ASP A 27 -29.11 5.01 -14.76
C ASP A 27 -29.13 4.05 -15.95
N GLU A 28 -30.22 4.04 -16.71
CA GLU A 28 -30.27 3.19 -17.90
C GLU A 28 -29.21 3.58 -18.92
N PHE A 29 -28.75 4.83 -18.90
CA PHE A 29 -27.69 5.23 -19.80
C PHE A 29 -26.37 4.61 -19.37
N PHE A 30 -26.08 4.63 -18.07
CA PHE A 30 -24.84 4.03 -17.58
C PHE A 30 -24.80 2.54 -17.88
N SER A 31 -25.95 1.87 -17.83
CA SER A 31 -26.00 0.45 -18.12
C SER A 31 -25.53 0.12 -19.53
N LEU A 32 -25.34 1.11 -20.40
CA LEU A 32 -24.85 0.86 -21.75
C LEU A 32 -23.36 0.56 -21.79
N PHE A 33 -22.63 0.77 -20.70
CA PHE A 33 -21.20 0.48 -20.71
C PHE A 33 -20.66 -0.03 -19.39
N LEU A 34 -21.36 0.23 -18.28
CA LEU A 34 -20.94 -0.36 -17.02
C LEU A 34 -21.27 -1.85 -16.99
N ASP A 35 -20.62 -2.56 -16.08
CA ASP A 35 -20.85 -3.99 -15.91
C ASP A 35 -22.18 -4.21 -15.18
N PRO A 36 -22.62 -5.47 -15.08
CA PRO A 36 -23.90 -5.74 -14.42
C PRO A 36 -23.98 -5.23 -12.99
N THR A 37 -22.86 -5.07 -12.30
CA THR A 37 -22.90 -4.55 -10.93
C THR A 37 -23.00 -3.03 -10.87
N MET A 38 -22.93 -2.35 -12.01
CA MET A 38 -23.11 -0.89 -12.07
C MET A 38 -22.06 -0.16 -11.24
N ALA A 39 -20.82 -0.63 -11.30
CA ALA A 39 -19.71 -0.01 -10.61
C ALA A 39 -19.05 1.01 -11.53
N TYR A 40 -19.05 2.27 -11.12
CA TYR A 40 -18.50 3.37 -11.91
C TYR A 40 -17.11 3.77 -11.42
N THR A 41 -16.28 2.80 -11.04
CA THR A 41 -14.97 3.07 -10.46
C THR A 41 -13.97 2.07 -11.02
N CYS A 42 -12.73 2.15 -10.51
CA CYS A 42 -11.64 1.34 -11.04
C CYS A 42 -11.86 -0.13 -10.72
N ALA A 43 -11.71 -0.98 -11.75
CA ALA A 43 -11.82 -2.42 -11.55
C ALA A 43 -10.49 -3.00 -11.10
N TYR A 44 -10.54 -4.21 -10.53
CA TYR A 44 -9.34 -4.90 -10.05
C TYR A 44 -9.24 -6.24 -10.77
N PHE A 45 -8.41 -6.27 -11.82
CA PHE A 45 -8.15 -7.51 -12.57
C PHE A 45 -7.10 -8.33 -11.83
N GLU A 46 -7.51 -8.87 -10.68
CA GLU A 46 -6.63 -9.74 -9.92
C GLU A 46 -6.06 -10.85 -10.79
N ARG A 47 -6.78 -11.24 -11.85
CA ARG A 47 -6.28 -12.13 -12.87
C ARG A 47 -6.39 -11.43 -14.22
N GLU A 48 -5.38 -11.62 -15.07
CA GLU A 48 -5.34 -10.89 -16.34
C GLU A 48 -6.53 -11.22 -17.22
N ASP A 49 -7.11 -12.41 -17.06
CA ASP A 49 -8.23 -12.83 -17.89
C ASP A 49 -9.58 -12.51 -17.27
N MET A 50 -9.61 -11.90 -16.09
CA MET A 50 -10.88 -11.56 -15.46
C MET A 50 -11.76 -10.76 -16.41
N THR A 51 -13.07 -10.91 -16.23
CA THR A 51 -14.03 -10.03 -16.88
C THR A 51 -14.11 -8.72 -16.11
N LEU A 52 -14.89 -7.78 -16.64
CA LEU A 52 -15.12 -6.53 -15.91
C LEU A 52 -15.88 -6.80 -14.62
N GLU A 53 -16.97 -7.55 -14.69
CA GLU A 53 -17.74 -7.85 -13.49
C GLU A 53 -16.89 -8.59 -12.47
N GLU A 54 -16.14 -9.60 -12.94
CA GLU A 54 -15.25 -10.32 -12.04
C GLU A 54 -14.20 -9.38 -11.47
N ALA A 55 -13.66 -8.48 -12.29
CA ALA A 55 -12.67 -7.54 -11.80
C ALA A 55 -13.30 -6.55 -10.82
N GLN A 56 -14.55 -6.17 -11.06
CA GLN A 56 -15.22 -5.22 -10.17
C GLN A 56 -15.45 -5.84 -8.79
N ASN A 57 -16.09 -7.00 -8.75
CA ASN A 57 -16.23 -7.70 -7.47
C ASN A 57 -14.87 -7.88 -6.79
N ALA A 58 -13.84 -8.19 -7.57
CA ALA A 58 -12.51 -8.33 -7.01
C ALA A 58 -12.06 -7.05 -6.32
N LYS A 59 -12.28 -5.90 -6.97
CA LYS A 59 -11.95 -4.63 -6.34
C LYS A 59 -12.68 -4.48 -5.02
N PHE A 60 -13.98 -4.78 -5.01
CA PHE A 60 -14.75 -4.66 -3.77
C PHE A 60 -14.21 -5.59 -2.70
N ASP A 61 -14.01 -6.85 -3.05
CA ASP A 61 -13.44 -7.79 -2.08
C ASP A 61 -12.10 -7.27 -1.57
N LEU A 62 -11.25 -6.80 -2.48
CA LEU A 62 -9.97 -6.22 -2.07
C LEU A 62 -10.16 -5.17 -0.98
N ALA A 63 -11.05 -4.21 -1.22
CA ALA A 63 -11.28 -3.16 -0.24
C ALA A 63 -11.81 -3.73 1.07
N LEU A 64 -12.79 -4.63 0.98
CA LEU A 64 -13.49 -5.07 2.18
C LEU A 64 -12.59 -5.91 3.07
N ASP A 65 -11.77 -6.79 2.47
CA ASP A 65 -10.84 -7.58 3.27
C ASP A 65 -9.97 -6.69 4.15
N LYS A 66 -9.59 -5.52 3.63
CA LYS A 66 -8.72 -4.62 4.36
C LYS A 66 -9.35 -4.07 5.63
N LEU A 67 -10.66 -4.19 5.79
CA LEU A 67 -11.35 -3.60 6.93
C LEU A 67 -11.37 -4.49 8.16
N HIS A 68 -11.03 -5.77 8.02
CA HIS A 68 -10.97 -6.70 9.15
C HIS A 68 -12.32 -6.76 9.87
N LEU A 69 -13.35 -7.13 9.11
CA LEU A 69 -14.71 -7.14 9.61
C LEU A 69 -14.98 -8.39 10.45
N GLU A 70 -15.63 -8.18 11.59
CA GLU A 70 -16.11 -9.25 12.43
C GLU A 70 -17.63 -9.25 12.47
N PRO A 71 -18.26 -10.41 12.65
CA PRO A 71 -19.74 -10.44 12.69
C PRO A 71 -20.29 -9.50 13.74
N GLY A 72 -21.40 -8.84 13.41
CA GLY A 72 -22.05 -7.90 14.30
C GLY A 72 -21.63 -6.46 14.12
N MET A 73 -20.54 -6.20 13.42
CA MET A 73 -20.11 -4.83 13.19
C MET A 73 -21.07 -4.13 12.24
N THR A 74 -20.92 -2.81 12.16
CA THR A 74 -21.68 -1.98 11.23
C THR A 74 -20.71 -1.31 10.27
N LEU A 75 -21.01 -1.43 8.98
CA LEU A 75 -20.18 -0.86 7.92
C LEU A 75 -20.87 0.32 7.28
N LEU A 76 -20.12 1.39 7.05
CA LEU A 76 -20.61 2.57 6.34
C LEU A 76 -19.96 2.66 4.97
N ASP A 77 -20.80 2.84 3.95
CA ASP A 77 -20.33 3.14 2.60
C ASP A 77 -20.72 4.57 2.28
N ILE A 78 -19.72 5.43 2.16
CA ILE A 78 -19.94 6.85 1.87
C ILE A 78 -19.92 7.03 0.36
N GLY A 79 -21.05 7.46 -0.20
CA GLY A 79 -21.17 7.53 -1.64
C GLY A 79 -21.24 6.14 -2.23
N CYS A 80 -22.27 5.39 -1.84
CA CYS A 80 -22.37 3.98 -2.18
C CYS A 80 -22.66 3.74 -3.65
N GLY A 81 -22.74 4.78 -4.47
CA GLY A 81 -23.03 4.55 -5.88
C GLY A 81 -24.26 3.71 -6.05
N TRP A 82 -24.23 2.82 -7.03
CA TRP A 82 -25.38 1.95 -7.31
C TRP A 82 -25.32 0.63 -6.57
N GLY A 83 -24.72 0.61 -5.37
CA GLY A 83 -24.86 -0.51 -4.46
C GLY A 83 -23.98 -1.70 -4.72
N GLY A 84 -23.25 -1.75 -5.84
CA GLY A 84 -22.44 -2.92 -6.14
C GLY A 84 -21.53 -3.34 -5.00
N GLY A 85 -21.04 -2.38 -4.22
CA GLY A 85 -20.10 -2.66 -3.16
C GLY A 85 -20.74 -3.21 -1.91
N LEU A 86 -21.85 -2.60 -1.49
CA LEU A 86 -22.58 -3.11 -0.34
C LEU A 86 -23.14 -4.51 -0.60
N GLN A 87 -23.36 -4.87 -1.86
CA GLN A 87 -23.78 -6.22 -2.17
C GLN A 87 -22.75 -7.23 -1.70
N ARG A 88 -21.48 -7.04 -2.09
CA ARG A 88 -20.43 -7.96 -1.68
C ARG A 88 -20.34 -8.03 -0.15
N ALA A 89 -20.56 -6.89 0.53
CA ALA A 89 -20.44 -6.87 1.98
C ALA A 89 -21.49 -7.76 2.64
N ILE A 90 -22.73 -7.66 2.19
CA ILE A 90 -23.81 -8.48 2.75
C ILE A 90 -23.54 -9.95 2.48
N GLU A 91 -23.21 -10.28 1.23
CA GLU A 91 -23.09 -11.67 0.85
C GLU A 91 -21.99 -12.37 1.65
N ASN A 92 -20.84 -11.71 1.80
CA ASN A 92 -19.64 -12.36 2.29
C ASN A 92 -19.31 -12.02 3.73
N TYR A 93 -20.10 -11.20 4.40
CA TYR A 93 -19.85 -10.83 5.78
C TYR A 93 -21.17 -10.69 6.52
N ASP A 94 -21.12 -10.95 7.83
CA ASP A 94 -22.31 -10.91 8.68
C ASP A 94 -22.26 -9.61 9.49
N VAL A 95 -22.63 -8.51 8.84
CA VAL A 95 -22.53 -7.20 9.44
C VAL A 95 -23.72 -6.34 9.02
N ASN A 96 -24.10 -5.42 9.90
CA ASN A 96 -24.99 -4.34 9.51
C ASN A 96 -24.26 -3.39 8.56
N VAL A 97 -25.01 -2.76 7.67
CA VAL A 97 -24.42 -1.87 6.67
C VAL A 97 -25.31 -0.65 6.50
N ILE A 98 -24.67 0.48 6.20
CA ILE A 98 -25.34 1.73 5.88
C ILE A 98 -24.62 2.35 4.69
N GLY A 99 -25.36 2.64 3.63
CA GLY A 99 -24.83 3.33 2.47
C GLY A 99 -25.50 4.69 2.34
N ILE A 100 -24.70 5.72 2.05
CA ILE A 100 -25.19 7.08 1.89
C ILE A 100 -24.71 7.60 0.54
N THR A 101 -25.65 8.09 -0.26
CA THR A 101 -25.36 8.74 -1.53
C THR A 101 -26.19 10.01 -1.61
N LEU A 102 -25.83 10.88 -2.56
CA LEU A 102 -26.61 12.08 -2.83
C LEU A 102 -27.38 11.99 -4.14
N SER A 103 -27.14 10.99 -4.96
CA SER A 103 -27.93 10.77 -6.16
C SER A 103 -29.20 10.04 -5.78
N ARG A 104 -30.36 10.63 -6.08
CA ARG A 104 -31.61 9.93 -5.85
C ARG A 104 -31.73 8.72 -6.76
N ASN A 105 -31.29 8.85 -8.01
CA ASN A 105 -31.19 7.70 -8.90
C ASN A 105 -30.55 6.52 -8.19
N GLN A 106 -29.32 6.73 -7.70
CA GLN A 106 -28.63 5.69 -6.95
C GLN A 106 -29.41 5.27 -5.72
N PHE A 107 -29.95 6.25 -4.99
CA PHE A 107 -30.63 5.96 -3.73
C PHE A 107 -31.74 4.94 -3.92
N GLU A 108 -32.64 5.20 -4.87
CA GLU A 108 -33.74 4.26 -5.09
C GLU A 108 -33.24 2.97 -5.73
N TYR A 109 -32.30 3.09 -6.68
CA TYR A 109 -31.81 1.90 -7.37
C TYR A 109 -31.12 0.94 -6.40
N SER A 110 -30.32 1.49 -5.48
CA SER A 110 -29.60 0.64 -4.54
C SER A 110 -30.55 0.03 -3.51
N LYS A 111 -31.48 0.85 -3.00
CA LYS A 111 -32.44 0.33 -2.02
C LYS A 111 -33.19 -0.87 -2.58
N ALA A 112 -33.47 -0.86 -3.89
CA ALA A 112 -34.19 -1.98 -4.51
C ALA A 112 -33.27 -3.19 -4.68
N LYS A 113 -32.11 -2.99 -5.31
CA LYS A 113 -31.19 -4.11 -5.51
C LYS A 113 -30.86 -4.79 -4.18
N LEU A 114 -30.58 -4.01 -3.15
CA LEU A 114 -30.13 -4.57 -1.89
C LEU A 114 -31.24 -5.23 -1.10
N ALA A 115 -32.50 -4.83 -1.32
CA ALA A 115 -33.61 -5.49 -0.66
C ALA A 115 -33.78 -6.93 -1.13
N LYS A 116 -33.30 -7.26 -2.31
CA LYS A 116 -33.43 -8.61 -2.86
C LYS A 116 -32.37 -9.58 -2.33
N ILE A 117 -31.46 -9.12 -1.48
CA ILE A 117 -30.40 -9.97 -0.93
C ILE A 117 -30.87 -10.52 0.41
N PRO A 118 -30.83 -11.83 0.63
CA PRO A 118 -31.18 -12.36 1.95
C PRO A 118 -30.21 -11.86 3.00
N THR A 119 -30.70 -11.73 4.23
CA THR A 119 -29.86 -11.26 5.32
C THR A 119 -30.61 -11.38 6.64
N GLU A 120 -29.83 -11.54 7.72
CA GLU A 120 -30.33 -11.49 9.08
C GLU A 120 -29.83 -10.25 9.81
N ARG A 121 -29.43 -9.21 9.07
CA ARG A 121 -28.84 -8.00 9.60
C ARG A 121 -29.64 -6.78 9.14
N SER A 122 -29.27 -5.63 9.69
CA SER A 122 -29.89 -4.37 9.30
C SER A 122 -29.28 -3.87 7.99
N VAL A 123 -30.12 -3.26 7.17
CA VAL A 123 -29.71 -2.71 5.88
C VAL A 123 -30.48 -1.41 5.69
N GLN A 124 -29.75 -0.29 5.70
CA GLN A 124 -30.36 1.04 5.58
C GLN A 124 -29.72 1.77 4.41
N VAL A 125 -30.55 2.29 3.52
CA VAL A 125 -30.11 3.20 2.47
C VAL A 125 -30.65 4.58 2.79
N ARG A 126 -29.79 5.59 2.70
CA ARG A 126 -30.16 6.97 3.00
C ARG A 126 -29.67 7.88 1.89
N LEU A 127 -30.52 8.81 1.50
CA LEU A 127 -30.12 9.90 0.60
C LEU A 127 -29.57 11.00 1.49
N GLN A 128 -28.24 11.03 1.65
CA GLN A 128 -27.62 11.81 2.72
C GLN A 128 -26.14 11.98 2.40
N GLY A 129 -25.61 13.14 2.82
CA GLY A 129 -24.19 13.42 2.68
C GLY A 129 -23.43 13.14 3.95
N TRP A 130 -22.11 13.06 3.83
CA TRP A 130 -21.29 12.70 4.99
C TRP A 130 -21.32 13.79 6.05
N ASP A 131 -21.45 15.06 5.65
CA ASP A 131 -21.55 16.11 6.64
C ASP A 131 -22.76 15.92 7.54
N GLU A 132 -23.84 15.37 6.99
CA GLU A 132 -25.03 15.13 7.79
C GLU A 132 -24.90 13.88 8.64
N PHE A 133 -24.22 12.85 8.14
CA PHE A 133 -24.12 11.59 8.86
C PHE A 133 -23.42 11.80 10.19
N THR A 134 -23.95 11.16 11.25
CA THR A 134 -23.34 11.28 12.57
C THR A 134 -23.48 10.00 13.39
N ASP A 135 -23.91 8.89 12.82
CA ASP A 135 -24.08 7.66 13.58
C ASP A 135 -22.75 6.96 13.78
N LYS A 136 -22.63 6.26 14.91
CA LYS A 136 -21.43 5.50 15.20
C LYS A 136 -21.39 4.22 14.38
N VAL A 137 -20.22 3.93 13.81
CA VAL A 137 -19.99 2.74 13.02
C VAL A 137 -18.69 2.10 13.50
N ASP A 138 -18.35 0.97 12.89
CA ASP A 138 -17.11 0.26 13.19
C ASP A 138 -16.10 0.32 12.07
N ARG A 139 -16.57 0.38 10.82
CA ARG A 139 -15.70 0.46 9.66
C ARG A 139 -16.34 1.40 8.65
N ILE A 140 -15.50 1.95 7.76
CA ILE A 140 -15.95 2.89 6.75
C ILE A 140 -15.26 2.57 5.43
N VAL A 141 -16.01 2.65 4.34
CA VAL A 141 -15.46 2.48 3.01
C VAL A 141 -15.97 3.62 2.13
N SER A 142 -15.12 4.07 1.21
CA SER A 142 -15.47 5.13 0.29
C SER A 142 -14.72 4.90 -1.00
N ILE A 143 -15.44 4.80 -2.11
CA ILE A 143 -14.87 4.41 -3.40
C ILE A 143 -15.40 5.37 -4.45
N GLY A 144 -14.53 6.25 -4.95
CA GLY A 144 -14.86 7.14 -6.04
C GLY A 144 -15.63 8.39 -5.65
N ALA A 145 -16.04 8.51 -4.39
CA ALA A 145 -16.75 9.69 -3.93
C ALA A 145 -15.83 10.83 -3.53
N PHE A 146 -14.57 10.52 -3.19
CA PHE A 146 -13.67 11.54 -2.72
C PHE A 146 -13.33 12.55 -3.81
N GLU A 147 -13.12 12.08 -5.05
CA GLU A 147 -12.76 12.98 -6.12
C GLU A 147 -13.82 14.02 -6.42
N ALA A 148 -15.02 13.88 -5.85
CA ALA A 148 -16.07 14.87 -5.99
C ALA A 148 -16.04 15.90 -4.86
N PHE A 149 -15.00 15.91 -4.04
CA PHE A 149 -14.92 16.81 -2.90
C PHE A 149 -14.01 17.99 -3.21
N LYS A 150 -14.23 19.07 -2.48
CA LYS A 150 -13.37 20.24 -2.55
C LYS A 150 -12.32 20.17 -1.45
N MET A 151 -11.08 20.53 -1.81
CA MET A 151 -9.98 20.42 -0.86
C MET A 151 -10.24 21.15 0.44
N GLU A 152 -11.19 22.09 0.46
CA GLU A 152 -11.48 22.83 1.68
C GLU A 152 -12.25 22.00 2.69
N ARG A 153 -12.84 20.89 2.26
CA ARG A 153 -13.61 20.01 3.13
C ARG A 153 -12.83 18.77 3.56
N TYR A 154 -11.66 18.52 2.96
CA TYR A 154 -10.90 17.32 3.29
C TYR A 154 -10.73 17.17 4.79
N ALA A 155 -10.26 18.23 5.46
CA ALA A 155 -10.00 18.14 6.89
C ALA A 155 -11.26 17.72 7.66
N ALA A 156 -12.37 18.40 7.39
CA ALA A 156 -13.61 18.09 8.11
C ALA A 156 -14.07 16.66 7.83
N PHE A 157 -13.90 16.20 6.58
CA PHE A 157 -14.29 14.84 6.23
C PHE A 157 -13.60 13.83 7.12
N PHE A 158 -12.26 13.89 7.18
CA PHE A 158 -11.52 12.95 8.03
C PHE A 158 -11.84 13.17 9.50
N GLU A 159 -12.14 14.41 9.91
CA GLU A 159 -12.49 14.65 11.29
C GLU A 159 -13.78 13.92 11.65
N ARG A 160 -14.77 13.97 10.76
CA ARG A 160 -16.02 13.26 10.99
C ARG A 160 -15.80 11.75 10.92
N SER A 161 -15.10 11.28 9.87
CA SER A 161 -14.77 9.86 9.77
C SER A 161 -14.17 9.36 11.07
N TYR A 162 -13.10 10.01 11.53
CA TYR A 162 -12.42 9.60 12.75
C TYR A 162 -13.35 9.60 13.95
N ASP A 163 -14.32 10.51 13.97
CA ASP A 163 -15.12 10.71 15.18
C ASP A 163 -16.13 9.59 15.40
N ILE A 164 -16.68 9.02 14.33
CA ILE A 164 -17.70 7.98 14.46
C ILE A 164 -17.11 6.59 14.62
N LEU A 165 -15.86 6.39 14.22
CA LEU A 165 -15.24 5.09 14.34
C LEU A 165 -14.87 4.81 15.79
N PRO A 166 -14.71 3.53 16.15
CA PRO A 166 -14.30 3.20 17.52
C PRO A 166 -12.78 3.20 17.67
N ASP A 167 -12.28 2.87 18.86
CA ASP A 167 -10.84 2.89 19.11
C ASP A 167 -10.08 2.16 18.03
N ASP A 168 -10.48 0.91 17.73
CA ASP A 168 -9.83 0.10 16.72
C ASP A 168 -10.41 0.35 15.33
N GLY A 169 -11.11 1.45 15.12
CA GLY A 169 -11.80 1.65 13.86
C GLY A 169 -10.83 1.69 12.68
N ARG A 170 -11.34 1.28 11.53
CA ARG A 170 -10.58 1.28 10.29
C ARG A 170 -11.42 1.83 9.17
N MET A 171 -10.76 2.42 8.18
CA MET A 171 -11.44 2.99 7.03
C MET A 171 -10.58 2.81 5.80
N LEU A 172 -11.22 2.50 4.68
CA LEU A 172 -10.55 2.37 3.39
C LEU A 172 -11.09 3.43 2.45
N LEU A 173 -10.21 4.27 1.92
CA LEU A 173 -10.58 5.32 0.99
C LEU A 173 -9.98 5.00 -0.38
N HIS A 174 -10.85 4.79 -1.35
CA HIS A 174 -10.46 4.57 -2.75
C HIS A 174 -10.79 5.83 -3.52
N THR A 175 -9.79 6.39 -4.20
CA THR A 175 -9.97 7.65 -4.89
C THR A 175 -8.92 7.79 -5.99
N ILE A 176 -9.31 8.48 -7.06
CA ILE A 176 -8.35 8.85 -8.10
C ILE A 176 -7.37 9.86 -7.54
N LEU A 177 -6.15 9.85 -8.07
CA LEU A 177 -5.09 10.73 -7.60
C LEU A 177 -4.40 11.40 -8.78
N THR A 178 -3.83 12.57 -8.52
CA THR A 178 -3.11 13.35 -9.50
C THR A 178 -1.67 13.59 -9.03
N TYR A 179 -0.86 14.11 -9.94
CA TYR A 179 0.54 14.41 -9.68
C TYR A 179 0.78 15.90 -9.81
N THR A 180 1.88 16.36 -9.22
CA THR A 180 2.38 17.71 -9.46
C THR A 180 3.26 17.72 -10.69
N GLN A 181 3.38 18.91 -11.30
CA GLN A 181 4.20 19.02 -12.51
C GLN A 181 5.63 18.61 -12.24
N LYS A 182 6.16 18.94 -11.04
CA LYS A 182 7.49 18.49 -10.68
C LYS A 182 7.60 16.98 -10.81
N GLN A 183 6.75 16.25 -10.12
CA GLN A 183 6.81 14.79 -10.16
C GLN A 183 6.62 14.28 -11.59
N MET A 184 5.64 14.83 -12.31
CA MET A 184 5.41 14.38 -13.68
C MET A 184 6.66 14.60 -14.54
N HIS A 185 7.30 15.77 -14.38
CA HIS A 185 8.57 16.00 -15.04
C HIS A 185 9.62 15.01 -14.58
N GLU A 186 9.68 14.77 -13.27
CA GLU A 186 10.64 13.82 -12.73
C GLU A 186 10.48 12.44 -13.36
N MET A 187 9.27 12.07 -13.72
CA MET A 187 8.98 10.76 -14.29
C MET A 187 9.09 10.73 -15.81
N GLY A 188 9.60 11.79 -16.42
CA GLY A 188 9.66 11.83 -17.87
C GLY A 188 8.29 11.88 -18.51
N VAL A 189 7.32 12.43 -17.82
CA VAL A 189 5.95 12.52 -18.31
C VAL A 189 5.80 13.86 -19.02
N LYS A 190 5.68 13.80 -20.34
CA LYS A 190 5.61 14.99 -21.18
C LYS A 190 4.14 15.30 -21.46
N VAL A 191 3.60 16.28 -20.75
CA VAL A 191 2.22 16.71 -20.98
C VAL A 191 2.18 17.52 -22.27
N THR A 192 1.35 17.10 -23.21
CA THR A 192 1.22 17.79 -24.47
C THR A 192 0.07 18.80 -24.40
N MET A 193 -0.13 19.54 -25.50
CA MET A 193 -1.19 20.53 -25.53
C MET A 193 -2.56 19.86 -25.50
N SER A 194 -2.72 18.77 -26.25
CA SER A 194 -3.97 18.02 -26.22
C SER A 194 -4.35 17.65 -24.79
N ASP A 195 -3.35 17.25 -23.99
CA ASP A 195 -3.62 16.93 -22.58
C ASP A 195 -4.19 18.14 -21.86
N VAL A 196 -3.64 19.33 -22.11
CA VAL A 196 -4.16 20.53 -21.49
C VAL A 196 -5.55 20.84 -22.02
N ARG A 197 -5.75 20.66 -23.33
CA ARG A 197 -7.08 20.84 -23.89
C ARG A 197 -8.10 19.96 -23.16
N PHE A 198 -7.74 18.71 -22.89
CA PHE A 198 -8.64 17.83 -22.17
C PHE A 198 -8.85 18.28 -20.72
N MET A 199 -7.84 18.93 -20.12
CA MET A 199 -8.01 19.40 -18.75
C MET A 199 -9.08 20.48 -18.66
N LYS A 200 -9.12 21.39 -19.63
CA LYS A 200 -10.19 22.39 -19.66
C LYS A 200 -11.54 21.72 -19.84
N PHE A 201 -11.63 20.73 -20.74
CA PHE A 201 -12.85 19.97 -20.90
C PHE A 201 -13.32 19.43 -19.55
N ILE A 202 -12.39 18.99 -18.71
CA ILE A 202 -12.75 18.53 -17.37
C ILE A 202 -13.28 19.69 -16.54
N GLY A 203 -12.46 20.74 -16.39
CA GLY A 203 -12.90 21.89 -15.61
C GLY A 203 -14.19 22.50 -16.10
N GLU A 204 -14.58 22.21 -17.34
CA GLU A 204 -15.82 22.72 -17.91
C GLU A 204 -16.99 21.77 -17.64
N GLU A 205 -16.86 20.51 -18.07
CA GLU A 205 -17.98 19.58 -18.03
C GLU A 205 -18.08 18.82 -16.71
N ILE A 206 -16.95 18.52 -16.07
CA ILE A 206 -16.89 17.55 -14.99
C ILE A 206 -16.61 18.23 -13.65
N PHE A 207 -15.57 19.06 -13.58
CA PHE A 207 -15.08 19.62 -12.34
C PHE A 207 -15.38 21.11 -12.26
N PRO A 208 -16.55 21.51 -11.77
CA PRO A 208 -16.84 22.96 -11.62
C PRO A 208 -16.05 23.48 -10.41
N GLY A 209 -14.79 23.78 -10.66
CA GLY A 209 -13.89 24.16 -9.58
C GLY A 209 -13.65 22.99 -8.64
N GLY A 210 -12.67 22.17 -8.96
CA GLY A 210 -12.37 21.01 -8.14
C GLY A 210 -10.94 20.54 -8.31
N GLN A 211 -10.16 20.63 -7.24
CA GLN A 211 -8.76 20.21 -7.26
C GLN A 211 -8.68 18.74 -6.84
N LEU A 212 -8.12 17.91 -7.72
CA LEU A 212 -7.96 16.51 -7.36
C LEU A 212 -6.73 16.35 -6.46
N PRO A 213 -6.79 15.47 -5.48
CA PRO A 213 -5.66 15.33 -4.55
C PRO A 213 -4.55 14.46 -5.12
N ALA A 214 -3.35 14.70 -4.59
CA ALA A 214 -2.22 13.83 -4.79
C ALA A 214 -2.04 12.96 -3.55
N GLN A 215 -1.30 11.87 -3.73
CA GLN A 215 -1.11 10.92 -2.63
C GLN A 215 -0.74 11.64 -1.34
N GLU A 216 0.27 12.51 -1.40
CA GLU A 216 0.72 13.19 -0.19
C GLU A 216 -0.42 13.98 0.46
N ASP A 217 -1.34 14.54 -0.34
CA ASP A 217 -2.48 15.23 0.24
C ASP A 217 -3.29 14.29 1.13
N ILE A 218 -3.51 13.06 0.67
CA ILE A 218 -4.25 12.11 1.47
C ILE A 218 -3.55 11.89 2.80
N PHE A 219 -2.25 11.61 2.75
CA PHE A 219 -1.47 11.46 3.96
C PHE A 219 -1.64 12.66 4.88
N LYS A 220 -1.40 13.86 4.35
CA LYS A 220 -1.44 15.07 5.17
C LYS A 220 -2.77 15.20 5.90
N PHE A 221 -3.86 15.27 5.14
CA PHE A 221 -5.16 15.49 5.76
C PHE A 221 -5.56 14.31 6.64
N ALA A 222 -5.24 13.09 6.20
CA ALA A 222 -5.59 11.92 6.97
C ALA A 222 -4.87 11.92 8.30
N GLN A 223 -3.54 12.00 8.27
CA GLN A 223 -2.77 12.00 9.50
C GLN A 223 -3.07 13.24 10.33
N ALA A 224 -3.41 14.36 9.68
CA ALA A 224 -3.77 15.57 10.41
C ALA A 224 -4.94 15.32 11.33
N ALA A 225 -5.90 14.51 10.90
CA ALA A 225 -7.01 14.10 11.75
C ALA A 225 -6.62 12.99 12.71
N ASP A 226 -5.33 12.63 12.77
CA ASP A 226 -4.79 11.61 13.66
C ASP A 226 -5.12 10.20 13.20
N PHE A 227 -5.40 10.00 11.92
CA PHE A 227 -5.44 8.66 11.37
C PHE A 227 -4.02 8.11 11.23
N SER A 228 -3.94 6.81 10.94
CA SER A 228 -2.67 6.17 10.61
C SER A 228 -2.85 5.46 9.28
N VAL A 229 -2.04 5.85 8.29
CA VAL A 229 -2.07 5.22 6.98
C VAL A 229 -1.21 3.96 7.05
N GLU A 230 -1.84 2.79 6.98
CA GLU A 230 -1.11 1.54 7.04
C GLU A 230 -0.76 0.99 5.68
N LYS A 231 -1.45 1.43 4.63
CA LYS A 231 -1.15 0.95 3.28
C LYS A 231 -1.84 1.85 2.27
N VAL A 232 -1.18 2.04 1.13
CA VAL A 232 -1.79 2.61 -0.06
C VAL A 232 -1.48 1.69 -1.22
N GLN A 233 -2.50 1.36 -2.00
CA GLN A 233 -2.36 0.43 -3.11
C GLN A 233 -2.80 1.14 -4.38
N LEU A 234 -1.91 1.22 -5.36
CA LEU A 234 -2.13 1.99 -6.57
C LEU A 234 -2.44 1.06 -7.74
N LEU A 235 -3.40 1.46 -8.56
CA LEU A 235 -3.98 0.60 -9.59
C LEU A 235 -4.07 1.35 -10.91
N GLN A 236 -3.01 2.06 -11.26
CA GLN A 236 -3.01 2.90 -12.46
C GLN A 236 -3.53 2.15 -13.68
N GLN A 237 -2.83 1.08 -14.08
CA GLN A 237 -3.17 0.42 -15.34
C GLN A 237 -4.47 -0.35 -15.26
N HIS A 238 -4.97 -0.62 -14.06
CA HIS A 238 -6.29 -1.25 -13.96
C HIS A 238 -7.37 -0.32 -14.47
N TYR A 239 -7.31 0.96 -14.10
CA TYR A 239 -8.31 1.91 -14.55
C TYR A 239 -8.24 2.10 -16.06
N ALA A 240 -7.04 2.13 -16.63
CA ALA A 240 -6.90 2.24 -18.07
C ALA A 240 -7.65 1.12 -18.78
N ARG A 241 -7.49 -0.11 -18.30
CA ARG A 241 -8.25 -1.23 -18.85
C ARG A 241 -9.73 -1.05 -18.55
N THR A 242 -10.07 -0.74 -17.30
CA THR A 242 -11.44 -0.42 -16.95
C THR A 242 -12.03 0.57 -17.95
N LEU A 243 -11.33 1.67 -18.19
CA LEU A 243 -11.82 2.69 -19.11
C LEU A 243 -11.86 2.16 -20.54
N ASN A 244 -10.86 1.35 -20.93
CA ASN A 244 -10.83 0.81 -22.27
C ASN A 244 -12.09 0.01 -22.57
N ILE A 245 -12.70 -0.58 -21.56
CA ILE A 245 -13.85 -1.46 -21.74
C ILE A 245 -15.15 -0.66 -21.75
N TRP A 246 -15.37 0.16 -20.72
CA TRP A 246 -16.52 1.06 -20.70
C TRP A 246 -16.69 1.74 -22.05
N ALA A 247 -15.60 2.28 -22.59
CA ALA A 247 -15.68 2.96 -23.88
C ALA A 247 -16.17 2.02 -24.97
N ALA A 248 -15.52 0.86 -25.11
CA ALA A 248 -15.92 -0.08 -26.15
C ALA A 248 -17.41 -0.43 -26.03
N ASN A 249 -17.90 -0.60 -24.80
CA ASN A 249 -19.30 -0.92 -24.62
C ASN A 249 -20.19 0.19 -25.14
N LEU A 250 -19.94 1.43 -24.70
CA LEU A 250 -20.75 2.55 -25.17
C LEU A 250 -20.69 2.66 -26.69
N GLU A 251 -19.51 2.46 -27.28
CA GLU A 251 -19.41 2.44 -28.73
C GLU A 251 -20.28 1.35 -29.31
N ALA A 252 -20.22 0.15 -28.74
CA ALA A 252 -21.08 -0.93 -29.19
C ALA A 252 -22.55 -0.59 -28.98
N ASN A 253 -22.86 0.14 -27.92
CA ASN A 253 -24.21 0.64 -27.66
C ASN A 253 -24.39 2.07 -28.13
N LYS A 254 -23.70 2.45 -29.22
CA LYS A 254 -23.77 3.82 -29.71
C LYS A 254 -25.21 4.21 -30.02
N ASP A 255 -25.82 3.53 -31.00
CA ASP A 255 -27.15 3.93 -31.46
C ASP A 255 -28.12 4.02 -30.31
N ARG A 256 -28.01 3.11 -29.33
CA ARG A 256 -28.93 3.14 -28.20
C ARG A 256 -28.63 4.32 -27.28
N ALA A 257 -27.35 4.64 -27.10
CA ALA A 257 -27.00 5.77 -26.26
C ALA A 257 -27.57 7.06 -26.84
N ILE A 258 -27.42 7.25 -28.16
CA ILE A 258 -28.01 8.42 -28.81
C ILE A 258 -29.51 8.44 -28.59
N ALA A 259 -30.18 7.31 -28.85
CA ALA A 259 -31.61 7.21 -28.63
C ALA A 259 -31.97 7.63 -27.21
N LEU A 260 -31.20 7.17 -26.22
CA LEU A 260 -31.47 7.58 -24.85
C LEU A 260 -31.25 9.07 -24.66
N GLN A 261 -30.25 9.64 -25.33
CA GLN A 261 -29.89 11.03 -25.13
C GLN A 261 -29.75 11.77 -26.45
N SER A 262 -28.54 11.84 -26.96
CA SER A 262 -28.23 12.59 -28.17
C SER A 262 -26.79 12.29 -28.55
N GLU A 263 -26.47 12.54 -29.82
CA GLU A 263 -25.10 12.36 -30.28
C GLU A 263 -24.14 13.24 -29.51
N GLU A 264 -24.62 14.36 -28.96
CA GLU A 264 -23.76 15.24 -28.18
C GLU A 264 -23.28 14.56 -26.91
N ILE A 265 -24.21 14.10 -26.07
CA ILE A 265 -23.83 13.42 -24.84
C ILE A 265 -22.98 12.19 -25.15
N TYR A 266 -23.29 11.50 -26.25
CA TYR A 266 -22.51 10.32 -26.62
C TYR A 266 -21.06 10.70 -26.88
N ASN A 267 -20.83 11.59 -27.84
CA ASN A 267 -19.47 12.04 -28.11
C ASN A 267 -18.83 12.60 -26.85
N LYS A 268 -19.60 13.36 -26.08
CA LYS A 268 -19.11 13.87 -24.80
C LYS A 268 -18.50 12.75 -23.96
N TYR A 269 -19.29 11.70 -23.70
CA TYR A 269 -18.81 10.61 -22.86
C TYR A 269 -17.60 9.93 -23.49
N MET A 270 -17.69 9.57 -24.76
CA MET A 270 -16.56 8.94 -25.44
C MET A 270 -15.28 9.73 -25.25
N HIS A 271 -15.31 11.02 -25.56
CA HIS A 271 -14.15 11.88 -25.33
C HIS A 271 -13.70 11.77 -23.87
N TYR A 272 -14.64 11.85 -22.94
CA TYR A 272 -14.31 11.77 -21.52
C TYR A 272 -13.62 10.45 -21.20
N LEU A 273 -14.26 9.33 -21.54
CA LEU A 273 -13.69 8.02 -21.24
C LEU A 273 -12.33 7.85 -21.92
N THR A 274 -12.26 8.10 -23.23
CA THR A 274 -11.03 7.88 -23.96
C THR A 274 -9.90 8.76 -23.45
N GLY A 275 -10.21 10.01 -23.08
CA GLY A 275 -9.18 10.87 -22.55
C GLY A 275 -8.70 10.45 -21.18
N CYS A 276 -9.64 10.11 -20.30
CA CYS A 276 -9.26 9.62 -18.97
C CYS A 276 -8.39 8.37 -19.09
N GLU A 277 -8.76 7.46 -19.99
CA GLU A 277 -7.95 6.27 -20.21
C GLU A 277 -6.52 6.65 -20.61
N HIS A 278 -6.39 7.58 -21.54
CA HIS A 278 -5.06 7.98 -21.99
C HIS A 278 -4.24 8.57 -20.85
N PHE A 279 -4.88 9.29 -19.93
CA PHE A 279 -4.14 9.89 -18.84
C PHE A 279 -3.59 8.83 -17.88
N PHE A 280 -4.39 7.83 -17.56
CA PHE A 280 -3.90 6.74 -16.72
C PHE A 280 -2.84 5.93 -17.47
N ARG A 281 -3.04 5.71 -18.77
CA ARG A 281 -2.08 4.95 -19.54
C ARG A 281 -0.75 5.69 -19.66
N LYS A 282 -0.80 6.99 -19.96
CA LYS A 282 0.43 7.76 -20.12
C LYS A 282 1.13 7.96 -18.78
N GLY A 283 0.39 7.97 -17.69
CA GLY A 283 0.95 8.17 -16.37
C GLY A 283 0.60 9.48 -15.72
N ILE A 284 -0.38 10.22 -16.26
CA ILE A 284 -0.74 11.51 -15.68
C ILE A 284 -1.66 11.33 -14.47
N SER A 285 -2.50 10.30 -14.48
CA SER A 285 -3.44 10.05 -13.40
C SER A 285 -3.11 8.76 -12.69
N ASN A 286 -3.64 8.62 -11.48
CA ASN A 286 -3.50 7.39 -10.72
C ASN A 286 -4.73 7.20 -9.85
N VAL A 287 -4.83 6.03 -9.23
CA VAL A 287 -5.94 5.70 -8.35
C VAL A 287 -5.41 4.78 -7.25
N GLY A 288 -5.73 5.11 -6.00
CA GLY A 288 -5.14 4.42 -4.88
C GLY A 288 -6.18 4.08 -3.84
N GLN A 289 -5.88 3.02 -3.07
CA GLN A 289 -6.69 2.62 -1.94
C GLN A 289 -5.88 2.84 -0.67
N PHE A 290 -6.41 3.66 0.22
CA PHE A 290 -5.72 4.08 1.43
C PHE A 290 -6.37 3.40 2.63
N THR A 291 -5.60 2.57 3.33
CA THR A 291 -6.07 1.93 4.54
C THR A 291 -5.72 2.83 5.72
N LEU A 292 -6.74 3.29 6.43
CA LEU A 292 -6.57 4.23 7.53
C LEU A 292 -7.05 3.56 8.81
N THR A 293 -6.28 3.73 9.89
CA THR A 293 -6.54 3.03 11.13
C THR A 293 -6.55 4.03 12.30
N LYS A 294 -7.29 3.66 13.33
CA LYS A 294 -7.51 4.53 14.48
C LYS A 294 -6.93 3.91 15.74
N VAL B 25 30.27 -7.50 17.19
CA VAL B 25 29.80 -8.52 18.12
C VAL B 25 29.51 -9.82 17.37
N SER B 26 29.47 -10.92 18.12
CA SER B 26 29.31 -12.24 17.52
C SER B 26 27.85 -12.54 17.23
N ASP B 27 27.64 -13.52 16.36
CA ASP B 27 26.30 -14.07 16.17
C ASP B 27 25.72 -14.51 17.51
N GLU B 28 26.58 -15.03 18.40
CA GLU B 28 26.12 -15.42 19.73
C GLU B 28 25.58 -14.23 20.51
N PHE B 29 26.04 -13.01 20.18
CA PHE B 29 25.53 -11.84 20.87
C PHE B 29 24.11 -11.50 20.40
N PHE B 30 23.88 -11.53 19.09
CA PHE B 30 22.53 -11.24 18.58
C PHE B 30 21.52 -12.25 19.09
N SER B 31 21.93 -13.51 19.21
CA SER B 31 21.02 -14.54 19.71
C SER B 31 20.54 -14.23 21.12
N LEU B 32 21.15 -13.26 21.80
CA LEU B 32 20.72 -12.89 23.14
C LEU B 32 19.43 -12.07 23.15
N PHE B 33 18.96 -11.61 22.00
CA PHE B 33 17.71 -10.84 21.99
C PHE B 33 16.87 -11.08 20.74
N LEU B 34 17.50 -11.54 19.66
CA LEU B 34 16.73 -11.90 18.48
C LEU B 34 16.03 -13.24 18.70
N ASP B 35 15.03 -13.51 17.86
CA ASP B 35 14.30 -14.76 17.93
C ASP B 35 15.14 -15.88 17.32
N PRO B 36 14.69 -17.13 17.45
CA PRO B 36 15.48 -18.26 16.92
C PRO B 36 15.78 -18.16 15.43
N THR B 37 14.96 -17.44 14.65
CA THR B 37 15.25 -17.31 13.23
C THR B 37 16.29 -16.25 12.93
N MET B 38 16.73 -15.49 13.95
CA MET B 38 17.82 -14.53 13.80
C MET B 38 17.49 -13.44 12.76
N ALA B 39 16.24 -12.97 12.78
CA ALA B 39 15.81 -11.90 11.90
C ALA B 39 16.02 -10.57 12.59
N TYR B 40 16.85 -9.72 11.98
CA TYR B 40 17.22 -8.43 12.56
C TYR B 40 16.41 -7.30 11.93
N THR B 41 15.13 -7.52 11.66
CA THR B 41 14.30 -6.56 10.97
C THR B 41 12.92 -6.51 11.62
N CYS B 42 12.03 -5.72 11.03
CA CYS B 42 10.72 -5.49 11.62
C CYS B 42 9.88 -6.75 11.57
N ALA B 43 9.26 -7.10 12.70
CA ALA B 43 8.36 -8.24 12.73
C ALA B 43 6.96 -7.82 12.28
N TYR B 44 6.16 -8.81 11.90
CA TYR B 44 4.78 -8.58 11.46
C TYR B 44 3.84 -9.38 12.34
N PHE B 45 3.23 -8.71 13.32
CA PHE B 45 2.25 -9.33 14.21
C PHE B 45 0.89 -9.38 13.50
N GLU B 46 0.82 -10.25 12.48
CA GLU B 46 -0.44 -10.47 11.79
C GLU B 46 -1.56 -10.80 12.75
N ARG B 47 -1.24 -11.36 13.91
CA ARG B 47 -2.16 -11.54 15.01
C ARG B 47 -1.58 -10.89 16.26
N GLU B 48 -2.44 -10.23 17.04
CA GLU B 48 -1.96 -9.46 18.18
C GLU B 48 -1.24 -10.33 19.19
N ASP B 49 -1.59 -11.61 19.27
CA ASP B 49 -0.99 -12.50 20.26
C ASP B 49 0.22 -13.25 19.72
N MET B 50 0.60 -13.01 18.46
CA MET B 50 1.74 -13.71 17.88
C MET B 50 2.97 -13.55 18.75
N THR B 51 3.85 -14.54 18.70
CA THR B 51 5.17 -14.40 19.28
C THR B 51 6.04 -13.59 18.34
N LEU B 52 7.27 -13.30 18.77
CA LEU B 52 8.21 -12.62 17.89
C LEU B 52 8.54 -13.51 16.69
N GLU B 53 8.88 -14.78 16.95
CA GLU B 53 9.21 -15.68 15.86
C GLU B 53 8.04 -15.88 14.91
N GLU B 54 6.83 -16.04 15.45
CA GLU B 54 5.65 -16.17 14.60
C GLU B 54 5.42 -14.90 13.79
N ALA B 55 5.61 -13.73 14.41
CA ALA B 55 5.43 -12.48 13.70
C ALA B 55 6.50 -12.30 12.62
N GLN B 56 7.72 -12.74 12.89
CA GLN B 56 8.79 -12.61 11.91
C GLN B 56 8.51 -13.45 10.67
N ASN B 57 8.22 -14.74 10.88
CA ASN B 57 7.81 -15.58 9.76
C ASN B 57 6.65 -14.94 9.01
N ALA B 58 5.70 -14.35 9.74
CA ALA B 58 4.60 -13.65 9.10
C ALA B 58 5.11 -12.52 8.23
N LYS B 59 6.08 -11.75 8.74
CA LYS B 59 6.68 -10.70 7.93
C LYS B 59 7.25 -11.26 6.64
N PHE B 60 7.98 -12.38 6.73
CA PHE B 60 8.54 -12.98 5.53
C PHE B 60 7.44 -13.41 4.57
N ASP B 61 6.44 -14.13 5.09
CA ASP B 61 5.32 -14.55 4.24
C ASP B 61 4.66 -13.34 3.60
N LEU B 62 4.40 -12.30 4.39
CA LEU B 62 3.84 -11.07 3.84
C LEU B 62 4.62 -10.60 2.62
N ALA B 63 5.94 -10.46 2.78
CA ALA B 63 6.76 -9.99 1.67
C ALA B 63 6.71 -10.97 0.50
N LEU B 64 6.85 -12.26 0.80
CA LEU B 64 6.98 -13.24 -0.28
C LEU B 64 5.68 -13.40 -1.04
N ASP B 65 4.54 -13.41 -0.35
CA ASP B 65 3.25 -13.50 -1.03
C ASP B 65 3.12 -12.41 -2.08
N LYS B 66 3.66 -11.22 -1.79
CA LYS B 66 3.54 -10.11 -2.72
C LYS B 66 4.29 -10.34 -4.01
N LEU B 67 5.19 -11.33 -4.05
CA LEU B 67 6.05 -11.56 -5.20
C LEU B 67 5.41 -12.43 -6.27
N HIS B 68 4.31 -13.10 -5.96
CA HIS B 68 3.59 -13.92 -6.94
C HIS B 68 4.53 -14.94 -7.57
N LEU B 69 5.10 -15.77 -6.70
CA LEU B 69 6.09 -16.76 -7.12
C LEU B 69 5.40 -17.96 -7.74
N GLU B 70 5.94 -18.43 -8.87
CA GLU B 70 5.48 -19.64 -9.52
C GLU B 70 6.58 -20.69 -9.49
N PRO B 71 6.23 -21.98 -9.50
CA PRO B 71 7.26 -23.02 -9.50
C PRO B 71 8.22 -22.85 -10.66
N GLY B 72 9.50 -23.10 -10.39
CA GLY B 72 10.55 -22.96 -11.38
C GLY B 72 11.23 -21.62 -11.39
N MET B 73 10.66 -20.61 -10.73
CA MET B 73 11.26 -19.29 -10.70
C MET B 73 12.53 -19.32 -9.87
N THR B 74 13.32 -18.25 -10.00
CA THR B 74 14.51 -18.03 -9.19
C THR B 74 14.33 -16.74 -8.40
N LEU B 75 14.55 -16.82 -7.09
CA LEU B 75 14.40 -15.69 -6.19
C LEU B 75 15.75 -15.21 -5.69
N LEU B 76 15.93 -13.89 -5.68
CA LEU B 76 17.11 -13.27 -5.11
C LEU B 76 16.71 -12.53 -3.83
N ASP B 77 17.44 -12.81 -2.76
CA ASP B 77 17.31 -12.06 -1.52
C ASP B 77 18.60 -11.27 -1.33
N ILE B 78 18.50 -9.95 -1.45
CA ILE B 78 19.65 -9.07 -1.33
C ILE B 78 19.79 -8.68 0.14
N GLY B 79 20.93 -9.02 0.74
CA GLY B 79 21.09 -8.85 2.16
C GLY B 79 20.28 -9.87 2.91
N CYS B 80 20.59 -11.16 2.68
CA CYS B 80 19.80 -12.25 3.23
C CYS B 80 19.98 -12.41 4.73
N GLY B 81 20.77 -11.56 5.38
CA GLY B 81 20.95 -11.69 6.82
C GLY B 81 21.35 -13.09 7.19
N TRP B 82 20.81 -13.58 8.31
CA TRP B 82 21.11 -14.91 8.83
C TRP B 82 20.15 -15.97 8.30
N GLY B 83 19.66 -15.80 7.08
CA GLY B 83 18.96 -16.85 6.36
C GLY B 83 17.51 -17.05 6.70
N GLY B 84 17.00 -16.39 7.75
CA GLY B 84 15.62 -16.59 8.14
C GLY B 84 14.64 -16.41 6.99
N GLY B 85 14.96 -15.52 6.06
CA GLY B 85 14.06 -15.23 4.97
C GLY B 85 14.11 -16.25 3.85
N LEU B 86 15.30 -16.64 3.42
CA LEU B 86 15.40 -17.69 2.42
C LEU B 86 14.90 -19.02 2.93
N GLN B 87 14.92 -19.23 4.24
CA GLN B 87 14.34 -20.46 4.80
C GLN B 87 12.86 -20.56 4.45
N ARG B 88 12.09 -19.53 4.78
CA ARG B 88 10.66 -19.55 4.47
C ARG B 88 10.42 -19.74 2.98
N ALA B 89 11.28 -19.16 2.14
CA ALA B 89 11.10 -19.29 0.70
C ALA B 89 11.26 -20.72 0.25
N ILE B 90 12.27 -21.41 0.76
CA ILE B 90 12.49 -22.80 0.40
C ILE B 90 11.31 -23.66 0.84
N GLU B 91 10.88 -23.49 2.10
CA GLU B 91 9.85 -24.35 2.66
C GLU B 91 8.53 -24.20 1.94
N ASN B 92 8.14 -22.96 1.61
CA ASN B 92 6.78 -22.68 1.18
C ASN B 92 6.67 -22.45 -0.33
N TYR B 93 7.76 -22.53 -1.07
CA TYR B 93 7.72 -22.33 -2.51
C TYR B 93 8.72 -23.27 -3.18
N ASP B 94 8.40 -23.64 -4.43
CA ASP B 94 9.23 -24.54 -5.22
C ASP B 94 10.00 -23.69 -6.24
N VAL B 95 11.06 -23.04 -5.76
CA VAL B 95 11.83 -22.11 -6.58
C VAL B 95 13.30 -22.23 -6.23
N ASN B 96 14.15 -21.93 -7.21
CA ASN B 96 15.55 -21.69 -6.96
C ASN B 96 15.72 -20.38 -6.19
N VAL B 97 16.77 -20.31 -5.37
CA VAL B 97 16.99 -19.15 -4.53
C VAL B 97 18.47 -18.79 -4.52
N ILE B 98 18.73 -17.48 -4.40
CA ILE B 98 20.09 -16.95 -4.24
C ILE B 98 20.02 -15.88 -3.16
N GLY B 99 20.85 -16.01 -2.15
CA GLY B 99 21.01 -14.99 -1.12
C GLY B 99 22.42 -14.43 -1.19
N ILE B 100 22.51 -13.10 -1.10
CA ILE B 100 23.80 -12.42 -1.15
C ILE B 100 23.91 -11.52 0.08
N THR B 101 25.01 -11.67 0.81
CA THR B 101 25.32 -10.82 1.94
C THR B 101 26.77 -10.41 1.84
N LEU B 102 27.13 -9.39 2.63
CA LEU B 102 28.51 -8.96 2.74
C LEU B 102 29.12 -9.32 4.09
N SER B 103 28.31 -9.78 5.04
CA SER B 103 28.82 -10.28 6.31
C SER B 103 29.25 -11.73 6.16
N ARG B 104 30.51 -12.01 6.49
CA ARG B 104 30.97 -13.39 6.47
C ARG B 104 30.25 -14.21 7.54
N ASN B 105 30.09 -13.64 8.75
CA ASN B 105 29.29 -14.28 9.78
C ASN B 105 27.96 -14.77 9.21
N GLN B 106 27.17 -13.83 8.68
CA GLN B 106 25.90 -14.21 8.06
C GLN B 106 26.12 -15.20 6.94
N PHE B 107 27.11 -14.95 6.09
CA PHE B 107 27.33 -15.81 4.93
C PHE B 107 27.53 -17.25 5.35
N GLU B 108 28.44 -17.49 6.30
CA GLU B 108 28.67 -18.85 6.75
C GLU B 108 27.50 -19.38 7.57
N TYR B 109 26.92 -18.53 8.43
CA TYR B 109 25.81 -18.97 9.25
C TYR B 109 24.60 -19.34 8.40
N SER B 110 24.31 -18.54 7.37
CA SER B 110 23.15 -18.83 6.54
C SER B 110 23.37 -20.06 5.68
N LYS B 111 24.56 -20.20 5.08
CA LYS B 111 24.85 -21.37 4.28
C LYS B 111 24.65 -22.65 5.08
N ALA B 112 24.96 -22.59 6.38
CA ALA B 112 24.74 -23.75 7.24
C ALA B 112 23.27 -23.95 7.53
N LYS B 113 22.58 -22.87 7.92
CA LYS B 113 21.15 -22.94 8.17
C LYS B 113 20.41 -23.58 7.01
N LEU B 114 20.67 -23.10 5.79
CA LEU B 114 19.89 -23.50 4.63
C LEU B 114 20.28 -24.87 4.09
N ALA B 115 21.51 -25.33 4.35
CA ALA B 115 21.91 -26.65 3.86
C ALA B 115 21.12 -27.77 4.51
N LYS B 116 20.55 -27.53 5.70
CA LYS B 116 19.79 -28.55 6.40
C LYS B 116 18.34 -28.63 5.93
N ILE B 117 17.90 -27.78 5.01
CA ILE B 117 16.52 -27.78 4.57
C ILE B 117 16.38 -28.66 3.33
N PRO B 118 15.45 -29.63 3.34
CA PRO B 118 15.23 -30.42 2.12
C PRO B 118 14.73 -29.55 0.97
N THR B 119 15.08 -29.96 -0.24
CA THR B 119 14.66 -29.20 -1.41
C THR B 119 15.04 -29.96 -2.67
N GLU B 120 14.27 -29.70 -3.74
CA GLU B 120 14.58 -30.18 -5.08
C GLU B 120 14.99 -29.04 -6.01
N ARG B 121 15.46 -27.93 -5.46
CA ARG B 121 15.82 -26.74 -6.22
C ARG B 121 17.26 -26.36 -5.92
N SER B 122 17.76 -25.38 -6.68
CA SER B 122 19.09 -24.83 -6.46
C SER B 122 19.04 -23.81 -5.33
N VAL B 123 20.10 -23.78 -4.53
CA VAL B 123 20.20 -22.86 -3.39
C VAL B 123 21.65 -22.41 -3.27
N GLN B 124 21.90 -21.12 -3.51
CA GLN B 124 23.23 -20.53 -3.44
C GLN B 124 23.23 -19.37 -2.47
N VAL B 125 24.18 -19.38 -1.54
CA VAL B 125 24.49 -18.23 -0.70
C VAL B 125 25.86 -17.71 -1.12
N ARG B 126 25.96 -16.40 -1.29
CA ARG B 126 27.19 -15.77 -1.74
C ARG B 126 27.53 -14.60 -0.84
N LEU B 127 28.82 -14.46 -0.53
CA LEU B 127 29.33 -13.28 0.14
C LEU B 127 29.61 -12.25 -0.95
N GLN B 128 28.64 -11.37 -1.20
CA GLN B 128 28.64 -10.59 -2.42
C GLN B 128 27.71 -9.40 -2.26
N GLY B 129 28.07 -8.29 -2.91
CA GLY B 129 27.25 -7.10 -2.92
C GLY B 129 26.42 -7.04 -4.19
N TRP B 130 25.40 -6.16 -4.16
CA TRP B 130 24.49 -6.09 -5.30
C TRP B 130 25.18 -5.54 -6.53
N ASP B 131 26.16 -4.66 -6.36
CA ASP B 131 26.90 -4.15 -7.51
C ASP B 131 27.62 -5.29 -8.25
N GLU B 132 28.06 -6.32 -7.52
CA GLU B 132 28.78 -7.42 -8.16
C GLU B 132 27.83 -8.38 -8.85
N PHE B 133 26.64 -8.59 -8.31
CA PHE B 133 25.72 -9.58 -8.84
C PHE B 133 25.35 -9.25 -10.28
N THR B 134 25.28 -10.30 -11.12
CA THR B 134 24.92 -10.12 -12.52
C THR B 134 24.08 -11.26 -13.09
N ASP B 135 23.61 -12.18 -12.26
CA ASP B 135 22.81 -13.29 -12.76
C ASP B 135 21.37 -12.87 -12.98
N LYS B 136 20.73 -13.48 -13.96
CA LYS B 136 19.33 -13.21 -14.24
C LYS B 136 18.44 -13.94 -13.26
N VAL B 137 17.44 -13.23 -12.73
CA VAL B 137 16.48 -13.78 -11.79
C VAL B 137 15.08 -13.41 -12.26
N ASP B 138 14.08 -13.89 -11.53
CA ASP B 138 12.69 -13.60 -11.82
C ASP B 138 12.03 -12.71 -10.77
N ARG B 139 12.47 -12.80 -9.53
CA ARG B 139 11.93 -11.99 -8.44
C ARG B 139 13.07 -11.58 -7.53
N ILE B 140 12.84 -10.51 -6.78
CA ILE B 140 13.83 -9.97 -5.86
C ILE B 140 13.14 -9.58 -4.56
N VAL B 141 13.81 -9.85 -3.44
CA VAL B 141 13.35 -9.43 -2.13
C VAL B 141 14.52 -8.79 -1.41
N SER B 142 14.22 -7.75 -0.62
CA SER B 142 15.25 -7.05 0.13
C SER B 142 14.63 -6.52 1.41
N ILE B 143 15.20 -6.89 2.55
CA ILE B 143 14.62 -6.58 3.86
C ILE B 143 15.74 -6.09 4.75
N GLY B 144 15.74 -4.79 5.06
CA GLY B 144 16.67 -4.22 6.00
C GLY B 144 18.05 -3.90 5.47
N ALA B 145 18.36 -4.26 4.22
CA ALA B 145 19.65 -3.97 3.64
C ALA B 145 19.72 -2.56 3.04
N PHE B 146 18.58 -1.97 2.70
CA PHE B 146 18.57 -0.68 2.04
C PHE B 146 19.10 0.42 2.96
N GLU B 147 18.73 0.38 4.24
CA GLU B 147 19.13 1.42 5.18
C GLU B 147 20.64 1.51 5.37
N ALA B 148 21.40 0.53 4.90
CA ALA B 148 22.86 0.58 4.94
C ALA B 148 23.46 1.21 3.70
N PHE B 149 22.64 1.78 2.82
CA PHE B 149 23.09 2.34 1.56
C PHE B 149 23.20 3.85 1.65
N LYS B 150 24.03 4.41 0.78
CA LYS B 150 24.17 5.86 0.64
C LYS B 150 23.26 6.34 -0.47
N MET B 151 22.59 7.48 -0.23
CA MET B 151 21.64 8.00 -1.21
C MET B 151 22.24 8.15 -2.60
N GLU B 152 23.57 8.19 -2.70
CA GLU B 152 24.22 8.35 -3.99
C GLU B 152 24.20 7.08 -4.83
N ARG B 153 23.90 5.94 -4.22
CA ARG B 153 23.86 4.67 -4.92
C ARG B 153 22.44 4.21 -5.25
N TYR B 154 21.42 4.90 -4.71
CA TYR B 154 20.04 4.46 -4.93
C TYR B 154 19.75 4.21 -6.41
N ALA B 155 20.08 5.19 -7.26
CA ALA B 155 19.76 5.05 -8.67
C ALA B 155 20.38 3.78 -9.26
N ALA B 156 21.68 3.57 -8.99
CA ALA B 156 22.33 2.38 -9.51
C ALA B 156 21.70 1.11 -8.97
N PHE B 157 21.33 1.13 -7.69
CA PHE B 157 20.69 -0.03 -7.09
C PHE B 157 19.42 -0.42 -7.85
N PHE B 158 18.51 0.53 -8.01
CA PHE B 158 17.29 0.26 -8.74
C PHE B 158 17.56 -0.02 -10.21
N GLU B 159 18.61 0.59 -10.77
CA GLU B 159 18.95 0.33 -12.17
C GLU B 159 19.37 -1.12 -12.37
N ARG B 160 20.20 -1.66 -11.47
CA ARG B 160 20.63 -3.04 -11.58
C ARG B 160 19.46 -4.00 -11.35
N SER B 161 18.69 -3.76 -10.28
CA SER B 161 17.52 -4.57 -10.01
C SER B 161 16.65 -4.71 -11.26
N TYR B 162 16.28 -3.57 -11.86
CA TYR B 162 15.44 -3.60 -13.04
C TYR B 162 16.08 -4.39 -14.17
N ASP B 163 17.41 -4.41 -14.24
CA ASP B 163 18.09 -4.99 -15.38
C ASP B 163 18.09 -6.52 -15.37
N ILE B 164 18.13 -7.13 -14.18
CA ILE B 164 18.19 -8.59 -14.10
C ILE B 164 16.81 -9.24 -14.09
N LEU B 165 15.76 -8.51 -13.73
CA LEU B 165 14.42 -9.05 -13.70
C LEU B 165 13.86 -9.20 -15.11
N PRO B 166 12.86 -10.06 -15.30
CA PRO B 166 12.25 -10.21 -16.63
C PRO B 166 11.12 -9.21 -16.85
N ASP B 167 10.48 -9.28 -18.02
CA ASP B 167 9.43 -8.33 -18.34
C ASP B 167 8.40 -8.22 -17.22
N ASP B 168 7.88 -9.36 -16.77
CA ASP B 168 6.89 -9.40 -15.70
C ASP B 168 7.53 -9.41 -14.31
N GLY B 169 8.80 -9.03 -14.21
CA GLY B 169 9.50 -9.15 -12.94
C GLY B 169 8.87 -8.29 -11.85
N ARG B 170 9.03 -8.75 -10.62
CA ARG B 170 8.53 -8.06 -9.44
C ARG B 170 9.62 -8.03 -8.38
N MET B 171 9.59 -6.98 -7.55
CA MET B 171 10.57 -6.80 -6.49
C MET B 171 9.89 -6.20 -5.28
N LEU B 172 10.27 -6.68 -4.10
CA LEU B 172 9.76 -6.16 -2.83
C LEU B 172 10.91 -5.55 -2.06
N LEU B 173 10.80 -4.27 -1.73
CA LEU B 173 11.80 -3.56 -0.96
C LEU B 173 11.23 -3.22 0.39
N HIS B 174 11.82 -3.77 1.44
CA HIS B 174 11.47 -3.46 2.82
C HIS B 174 12.60 -2.63 3.39
N THR B 175 12.27 -1.45 3.89
CA THR B 175 13.29 -0.54 4.38
C THR B 175 12.68 0.45 5.36
N ILE B 176 13.49 0.86 6.33
CA ILE B 176 13.10 1.93 7.23
C ILE B 176 13.04 3.24 6.46
N LEU B 177 12.19 4.15 6.93
CA LEU B 177 11.97 5.42 6.27
C LEU B 177 12.04 6.56 7.28
N THR B 178 12.36 7.74 6.78
CA THR B 178 12.42 8.94 7.59
C THR B 178 11.44 9.97 7.05
N TYR B 179 11.24 11.03 7.83
CA TYR B 179 10.33 12.11 7.49
C TYR B 179 11.08 13.43 7.35
N THR B 180 10.44 14.37 6.67
CA THR B 180 10.88 15.76 6.66
C THR B 180 10.29 16.49 7.87
N GLN B 181 10.96 17.56 8.29
CA GLN B 181 10.48 18.29 9.45
C GLN B 181 9.07 18.82 9.22
N LYS B 182 8.78 19.26 7.99
CA LYS B 182 7.43 19.68 7.65
C LYS B 182 6.42 18.59 7.99
N GLN B 183 6.64 17.39 7.45
CA GLN B 183 5.72 16.29 7.67
C GLN B 183 5.56 16.00 9.16
N MET B 184 6.67 15.96 9.90
CA MET B 184 6.58 15.66 11.32
C MET B 184 5.69 16.66 12.05
N HIS B 185 5.82 17.94 11.73
CA HIS B 185 4.88 18.92 12.28
C HIS B 185 3.46 18.61 11.83
N GLU B 186 3.30 18.35 10.53
CA GLU B 186 1.97 18.05 10.01
C GLU B 186 1.33 16.87 10.73
N MET B 187 2.14 15.93 11.23
CA MET B 187 1.65 14.77 11.95
C MET B 187 1.53 15.00 13.45
N GLY B 188 1.67 16.25 13.91
CA GLY B 188 1.63 16.54 15.33
C GLY B 188 2.75 15.91 16.12
N VAL B 189 3.88 15.62 15.47
CA VAL B 189 5.03 15.00 16.11
C VAL B 189 5.99 16.11 16.50
N LYS B 190 6.14 16.35 17.80
CA LYS B 190 7.00 17.41 18.33
C LYS B 190 8.35 16.81 18.70
N VAL B 191 9.35 17.03 17.85
CA VAL B 191 10.69 16.54 18.10
C VAL B 191 11.32 17.38 19.21
N THR B 192 11.76 16.73 20.28
CA THR B 192 12.39 17.41 21.39
C THR B 192 13.91 17.41 21.21
N MET B 193 14.61 18.06 22.13
CA MET B 193 16.06 18.12 22.06
C MET B 193 16.69 16.75 22.30
N SER B 194 16.17 16.01 23.27
CA SER B 194 16.69 14.67 23.54
C SER B 194 16.70 13.82 22.29
N ASP B 195 15.65 13.93 21.46
CA ASP B 195 15.62 13.20 20.21
C ASP B 195 16.82 13.54 19.34
N VAL B 196 17.20 14.82 19.31
CA VAL B 196 18.37 15.23 18.53
C VAL B 196 19.63 14.63 19.13
N ARG B 197 19.74 14.62 20.46
CA ARG B 197 20.89 13.99 21.09
C ARG B 197 21.01 12.53 20.66
N PHE B 198 19.89 11.80 20.64
CA PHE B 198 19.92 10.43 20.18
C PHE B 198 20.24 10.34 18.69
N MET B 199 19.87 11.37 17.91
CA MET B 199 20.18 11.37 16.50
C MET B 199 21.68 11.38 16.26
N LYS B 200 22.41 12.19 17.05
CA LYS B 200 23.87 12.16 16.98
C LYS B 200 24.41 10.81 17.41
N PHE B 201 23.84 10.25 18.48
CA PHE B 201 24.19 8.91 18.91
C PHE B 201 24.13 7.91 17.75
N ILE B 202 23.10 8.01 16.92
CA ILE B 202 23.01 7.15 15.74
C ILE B 202 24.08 7.51 14.73
N GLY B 203 24.04 8.75 14.24
CA GLY B 203 25.01 9.22 13.25
C GLY B 203 26.45 9.10 13.70
N GLU B 204 26.69 8.95 15.00
CA GLU B 204 28.05 8.81 15.52
C GLU B 204 28.47 7.34 15.56
N ILE B 206 26.29 4.59 15.90
CA ILE B 206 25.77 3.34 15.38
C ILE B 206 25.96 3.30 13.86
N PHE B 207 25.38 4.27 13.17
CA PHE B 207 25.43 4.35 11.70
C PHE B 207 26.18 5.62 11.34
N PRO B 208 27.51 5.58 11.30
CA PRO B 208 28.29 6.79 10.94
C PRO B 208 28.35 7.10 9.45
N GLY B 209 27.30 7.76 8.96
CA GLY B 209 27.20 8.09 7.56
C GLY B 209 26.04 7.45 6.83
N GLY B 210 25.15 6.78 7.55
CA GLY B 210 24.03 6.14 6.91
C GLY B 210 22.90 7.08 6.55
N GLN B 211 22.62 7.24 5.26
CA GLN B 211 21.54 8.12 4.82
C GLN B 211 20.25 7.30 4.71
N LEU B 212 19.25 7.67 5.51
CA LEU B 212 17.97 6.97 5.48
C LEU B 212 17.05 7.57 4.42
N PRO B 213 16.26 6.74 3.73
CA PRO B 213 15.33 7.25 2.74
C PRO B 213 14.02 7.69 3.37
N ALA B 214 13.33 8.59 2.69
CA ALA B 214 11.94 8.89 2.97
C ALA B 214 11.07 8.19 1.92
N GLN B 215 9.81 7.99 2.27
CA GLN B 215 8.90 7.29 1.36
C GLN B 215 9.01 7.85 -0.05
N GLU B 216 8.85 9.16 -0.20
CA GLU B 216 8.89 9.78 -1.51
C GLU B 216 10.21 9.51 -2.22
N ASP B 217 11.31 9.38 -1.48
CA ASP B 217 12.58 9.06 -2.11
C ASP B 217 12.49 7.74 -2.86
N ILE B 218 11.88 6.73 -2.25
CA ILE B 218 11.73 5.44 -2.91
C ILE B 218 10.94 5.60 -4.19
N PHE B 219 9.79 6.27 -4.12
CA PHE B 219 8.99 6.54 -5.31
C PHE B 219 9.86 7.15 -6.39
N LYS B 220 10.56 8.23 -6.06
CA LYS B 220 11.35 8.96 -7.05
C LYS B 220 12.34 8.02 -7.72
N PHE B 221 13.22 7.41 -6.93
CA PHE B 221 14.27 6.57 -7.52
C PHE B 221 13.69 5.37 -8.23
N ALA B 222 12.62 4.78 -7.68
CA ALA B 222 12.04 3.59 -8.28
C ALA B 222 11.44 3.90 -9.65
N GLN B 223 10.52 4.86 -9.71
CA GLN B 223 9.88 5.18 -10.99
C GLN B 223 10.87 5.72 -11.99
N ALA B 224 11.93 6.39 -11.54
CA ALA B 224 12.95 6.87 -12.45
C ALA B 224 13.58 5.72 -13.22
N ALA B 225 13.75 4.58 -12.56
CA ALA B 225 14.24 3.38 -13.21
C ALA B 225 13.18 2.67 -14.04
N ASP B 226 12.01 3.28 -14.19
CA ASP B 226 10.90 2.76 -14.99
C ASP B 226 10.17 1.62 -14.30
N PHE B 227 10.29 1.51 -12.98
CA PHE B 227 9.42 0.64 -12.21
C PHE B 227 8.04 1.27 -12.07
N SER B 228 7.09 0.46 -11.58
CA SER B 228 5.77 0.93 -11.20
C SER B 228 5.53 0.49 -9.76
N VAL B 229 5.34 1.46 -8.87
CA VAL B 229 5.07 1.16 -7.46
C VAL B 229 3.58 0.86 -7.33
N GLU B 230 3.26 -0.41 -7.05
CA GLU B 230 1.87 -0.82 -6.92
C GLU B 230 1.36 -0.84 -5.48
N LYS B 231 2.25 -0.87 -4.49
CA LYS B 231 1.82 -0.88 -3.11
C LYS B 231 3.00 -0.51 -2.21
N VAL B 232 2.70 0.21 -1.13
CA VAL B 232 3.62 0.39 -0.02
C VAL B 232 2.84 0.08 1.25
N GLN B 233 3.43 -0.71 2.14
CA GLN B 233 2.78 -1.13 3.37
C GLN B 233 3.66 -0.70 4.53
N LEU B 234 3.08 0.09 5.44
CA LEU B 234 3.80 0.71 6.53
C LEU B 234 3.53 -0.02 7.82
N LEU B 235 4.57 -0.22 8.61
CA LEU B 235 4.52 -1.07 9.80
C LEU B 235 5.14 -0.36 10.98
N GLN B 236 4.84 0.93 11.13
CA GLN B 236 5.44 1.74 12.19
C GLN B 236 5.35 1.06 13.54
N GLN B 237 4.12 0.79 14.00
CA GLN B 237 3.94 0.29 15.36
C GLN B 237 4.40 -1.15 15.51
N HIS B 238 4.56 -1.89 14.41
CA HIS B 238 5.10 -3.23 14.51
C HIS B 238 6.56 -3.21 14.96
N TYR B 239 7.35 -2.29 14.41
CA TYR B 239 8.76 -2.20 14.78
C TYR B 239 8.91 -1.79 16.24
N ALA B 240 8.06 -0.88 16.72
CA ALA B 240 8.10 -0.50 18.12
C ALA B 240 7.94 -1.72 19.01
N ARG B 241 6.98 -2.58 18.70
CA ARG B 241 6.83 -3.83 19.44
C ARG B 241 8.03 -4.74 19.21
N THR B 242 8.45 -4.90 17.95
CA THR B 242 9.67 -5.64 17.65
C THR B 242 10.81 -5.19 18.56
N LEU B 243 11.03 -3.88 18.62
CA LEU B 243 12.11 -3.35 19.45
C LEU B 243 11.82 -3.56 20.94
N ASN B 244 10.57 -3.42 21.34
CA ASN B 244 10.22 -3.62 22.75
C ASN B 244 10.65 -5.00 23.23
N ILE B 245 10.66 -5.98 22.34
CA ILE B 245 10.96 -7.36 22.71
C ILE B 245 12.47 -7.62 22.71
N TRP B 246 13.13 -7.29 21.60
CA TRP B 246 14.59 -7.37 21.55
C TRP B 246 15.21 -6.80 22.82
N ALA B 247 14.77 -5.60 23.22
CA ALA B 247 15.31 -4.98 24.41
C ALA B 247 15.05 -5.86 25.64
N ALA B 248 13.80 -6.24 25.87
CA ALA B 248 13.48 -7.05 27.03
C ALA B 248 14.33 -8.30 27.09
N ASN B 249 14.53 -8.94 25.93
CA ASN B 249 15.37 -10.14 25.89
C ASN B 249 16.80 -9.81 26.29
N LEU B 250 17.38 -8.79 25.67
CA LEU B 250 18.76 -8.43 25.99
C LEU B 250 18.93 -8.12 27.47
N GLU B 251 17.95 -7.43 28.06
CA GLU B 251 18.00 -7.20 29.50
C GLU B 251 18.03 -8.51 30.26
N ALA B 252 17.18 -9.46 29.88
CA ALA B 252 17.18 -10.76 30.55
C ALA B 252 18.51 -11.46 30.40
N ASN B 253 19.19 -11.29 29.26
CA ASN B 253 20.52 -11.84 29.03
C ASN B 253 21.61 -10.80 29.26
N LYS B 254 21.40 -9.89 30.20
CA LYS B 254 22.38 -8.84 30.47
C LYS B 254 23.74 -9.44 30.81
N ASP B 255 23.80 -10.18 31.92
CA ASP B 255 25.09 -10.67 32.42
C ASP B 255 25.84 -11.43 31.34
N ARG B 256 25.13 -12.18 30.48
CA ARG B 256 25.80 -12.92 29.43
C ARG B 256 26.32 -11.98 28.34
N ALA B 257 25.55 -10.94 28.01
CA ALA B 257 25.99 -9.99 27.00
C ALA B 257 27.27 -9.29 27.43
N ILE B 258 27.34 -8.88 28.70
CA ILE B 258 28.56 -8.27 29.22
C ILE B 258 29.73 -9.23 29.06
N ALA B 259 29.55 -10.48 29.50
CA ALA B 259 30.61 -11.47 29.36
C ALA B 259 31.05 -11.60 27.91
N LEU B 260 30.11 -11.65 26.97
CA LEU B 260 30.47 -11.76 25.56
C LEU B 260 31.22 -10.51 25.10
N GLN B 261 30.82 -9.35 25.60
CA GLN B 261 31.44 -8.09 25.18
C GLN B 261 31.81 -7.24 26.40
N SER B 262 30.91 -6.35 26.80
CA SER B 262 31.20 -5.43 27.87
C SER B 262 29.94 -4.67 28.24
N GLU B 263 29.92 -4.16 29.47
CA GLU B 263 28.81 -3.32 29.89
C GLU B 263 28.69 -2.08 29.02
N GLU B 264 29.79 -1.64 28.41
CA GLU B 264 29.74 -0.51 27.49
C GLU B 264 28.88 -0.84 26.28
N ILE B 265 29.23 -1.92 25.57
CA ILE B 265 28.46 -2.32 24.40
C ILE B 265 27.01 -2.59 24.79
N TYR B 266 26.80 -3.13 26.00
CA TYR B 266 25.44 -3.43 26.45
C TYR B 266 24.60 -2.16 26.52
N ASN B 267 25.03 -1.18 27.32
CA ASN B 267 24.28 0.06 27.42
C ASN B 267 24.05 0.69 26.06
N LYS B 268 25.07 0.65 25.19
CA LYS B 268 24.91 1.16 23.83
C LYS B 268 23.67 0.57 23.18
N TYR B 269 23.59 -0.76 23.13
CA TYR B 269 22.47 -1.42 22.46
C TYR B 269 21.16 -1.08 23.14
N MET B 270 21.10 -1.23 24.46
CA MET B 270 19.89 -0.87 25.19
C MET B 270 19.44 0.54 24.82
N HIS B 271 20.34 1.51 24.94
CA HIS B 271 20.03 2.88 24.50
C HIS B 271 19.57 2.88 23.05
N TYR B 272 20.29 2.18 22.18
CA TYR B 272 19.93 2.13 20.77
C TYR B 272 18.52 1.57 20.58
N LEU B 273 18.30 0.35 21.06
CA LEU B 273 17.00 -0.28 20.88
C LEU B 273 15.90 0.54 21.53
N THR B 274 16.09 0.91 22.81
CA THR B 274 15.05 1.66 23.52
C THR B 274 14.77 2.99 22.83
N GLY B 275 15.81 3.64 22.32
CA GLY B 275 15.60 4.90 21.63
C GLY B 275 14.90 4.71 20.30
N CYS B 276 15.32 3.71 19.52
CA CYS B 276 14.64 3.43 18.26
C CYS B 276 13.16 3.13 18.50
N GLU B 277 12.86 2.33 19.53
CA GLU B 277 11.46 2.06 19.85
C GLU B 277 10.69 3.35 20.08
N HIS B 278 11.28 4.28 20.84
CA HIS B 278 10.61 5.54 21.12
C HIS B 278 10.34 6.32 19.84
N PHE B 279 11.25 6.24 18.87
CA PHE B 279 11.06 6.98 17.63
C PHE B 279 9.91 6.40 16.80
N PHE B 280 9.86 5.07 16.68
CA PHE B 280 8.74 4.45 15.97
C PHE B 280 7.45 4.60 16.75
N ARG B 281 7.51 4.47 18.08
CA ARG B 281 6.31 4.64 18.89
C ARG B 281 5.82 6.09 18.84
N LYS B 282 6.74 7.05 18.96
CA LYS B 282 6.34 8.46 18.94
C LYS B 282 5.88 8.90 17.56
N GLY B 283 6.38 8.27 16.50
CA GLY B 283 6.02 8.62 15.15
C GLY B 283 7.12 9.29 14.34
N ILE B 284 8.36 9.24 14.81
CA ILE B 284 9.45 9.89 14.09
C ILE B 284 9.94 9.01 12.94
N SER B 285 9.91 7.70 13.10
CA SER B 285 10.39 6.77 12.10
C SER B 285 9.24 5.92 11.58
N ASN B 286 9.45 5.30 10.43
CA ASN B 286 8.50 4.34 9.88
C ASN B 286 9.28 3.30 9.08
N VAL B 287 8.57 2.26 8.66
CA VAL B 287 9.17 1.17 7.90
C VAL B 287 8.14 0.66 6.91
N GLY B 288 8.54 0.50 5.66
CA GLY B 288 7.60 0.20 4.60
C GLY B 288 8.09 -0.91 3.69
N GLN B 289 7.13 -1.60 3.09
CA GLN B 289 7.38 -2.63 2.09
C GLN B 289 6.86 -2.13 0.75
N PHE B 290 7.74 -2.05 -0.23
CA PHE B 290 7.42 -1.45 -1.53
C PHE B 290 7.36 -2.55 -2.58
N THR B 291 6.19 -2.71 -3.19
CA THR B 291 6.01 -3.67 -4.27
C THR B 291 6.26 -2.96 -5.60
N LEU B 292 7.27 -3.42 -6.32
CA LEU B 292 7.72 -2.79 -7.56
C LEU B 292 7.54 -3.74 -8.73
N THR B 293 7.05 -3.22 -9.84
CA THR B 293 6.70 -4.03 -11.00
C THR B 293 7.34 -3.45 -12.25
N LYS B 294 7.54 -4.33 -13.23
CA LYS B 294 8.25 -3.97 -14.44
C LYS B 294 7.35 -4.09 -15.67
#